data_7DKI
#
_entry.id   7DKI
#
_cell.length_a   52.409
_cell.length_b   52.409
_cell.length_c   77.109
_cell.angle_alpha   90.000
_cell.angle_beta   90.000
_cell.angle_gamma   120.000
#
_symmetry.space_group_name_H-M   'P 32'
#
loop_
_entity.id
_entity.type
_entity.pdbx_description
1 polymer 'Peptidylprolyl isomerase'
2 non-polymer GLYCEROL
3 water water
#
_entity_poly.entity_id   1
_entity_poly.type   'polypeptide(L)'
_entity_poly.pdbx_seq_one_letter_code
;SNAGVTVETISPGDESTYPKSGQTVVVHYTGTLTNGKKFDSSRDRGKPFKFRIGKSEVIRGWDEGVAKMSVGERAKLTCS
PDYAYGQQGHPGVIPPNSTLIFDVELLRLE
;
_entity_poly.pdbx_strand_id   A,B
#
# COMPACT_ATOMS: atom_id res chain seq x y z
N GLY A 4 -5.46 -6.19 8.84
CA GLY A 4 -4.47 -6.35 9.90
C GLY A 4 -3.08 -5.97 9.45
N VAL A 5 -2.39 -6.93 8.82
CA VAL A 5 -1.07 -6.69 8.28
C VAL A 5 -1.04 -7.17 6.84
N THR A 6 -0.49 -6.35 5.96
CA THR A 6 -0.29 -6.68 4.57
C THR A 6 1.20 -6.84 4.30
N VAL A 7 1.57 -7.92 3.61
CA VAL A 7 2.95 -8.19 3.23
C VAL A 7 3.03 -8.15 1.72
N GLU A 8 3.78 -7.18 1.19
CA GLU A 8 3.98 -7.03 -0.26
C GLU A 8 5.45 -7.30 -0.60
N THR A 9 5.71 -8.44 -1.24
CA THR A 9 7.07 -8.84 -1.50
C THR A 9 7.73 -7.93 -2.53
N ILE A 10 8.94 -7.46 -2.20
CA ILE A 10 9.75 -6.67 -3.11
C ILE A 10 10.80 -7.54 -3.80
N SER A 11 11.37 -8.48 -3.06
CA SER A 11 12.42 -9.34 -3.55
C SER A 11 12.15 -10.69 -2.90
N PRO A 12 12.15 -11.79 -3.67
CA PRO A 12 11.74 -13.08 -3.09
C PRO A 12 12.82 -13.66 -2.18
N GLY A 13 12.36 -14.34 -1.14
CA GLY A 13 13.21 -15.21 -0.35
C GLY A 13 13.32 -16.57 -1.02
N ASP A 14 13.84 -17.54 -0.26
CA ASP A 14 14.00 -18.87 -0.83
C ASP A 14 12.71 -19.68 -0.82
N GLU A 15 11.63 -19.12 -0.29
CA GLU A 15 10.34 -19.81 -0.11
C GLU A 15 10.50 -21.17 0.53
N SER A 16 11.52 -21.33 1.39
CA SER A 16 11.75 -22.62 2.03
C SER A 16 12.02 -22.47 3.51
N THR A 17 12.66 -21.37 3.92
CA THR A 17 13.16 -21.18 5.28
C THR A 17 12.32 -20.10 5.94
N TYR A 18 11.37 -20.51 6.79
CA TYR A 18 10.40 -19.62 7.42
C TYR A 18 10.57 -19.61 8.94
N PRO A 19 10.34 -18.48 9.60
CA PRO A 19 10.49 -18.44 11.06
C PRO A 19 9.50 -19.34 11.78
N LYS A 20 9.96 -19.95 12.86
CA LYS A 20 9.09 -20.71 13.76
C LYS A 20 8.76 -19.87 14.98
N SER A 21 7.69 -20.27 15.66
CA SER A 21 7.27 -19.56 16.86
C SER A 21 8.37 -19.59 17.92
N GLY A 22 8.73 -18.41 18.42
CA GLY A 22 9.81 -18.27 19.38
C GLY A 22 11.20 -18.16 18.78
N GLN A 23 11.36 -18.30 17.47
CA GLN A 23 12.69 -18.34 16.90
C GLN A 23 13.31 -16.94 16.86
N THR A 24 14.63 -16.90 17.04
CA THR A 24 15.36 -15.65 16.85
C THR A 24 15.49 -15.37 15.37
N VAL A 25 15.06 -14.18 14.97
CA VAL A 25 15.03 -13.71 13.60
C VAL A 25 15.92 -12.48 13.49
N VAL A 26 16.61 -12.32 12.36
CA VAL A 26 17.51 -11.18 12.12
C VAL A 26 17.04 -10.44 10.87
N VAL A 27 16.74 -9.15 11.01
CA VAL A 27 16.20 -8.34 9.93
C VAL A 27 16.99 -7.04 9.83
N HIS A 28 16.92 -6.42 8.65
CA HIS A 28 17.16 -4.99 8.49
C HIS A 28 15.83 -4.34 8.15
N TYR A 29 15.54 -3.19 8.73
CA TYR A 29 14.21 -2.62 8.55
C TYR A 29 14.26 -1.11 8.62
N THR A 30 13.24 -0.49 8.01
CA THR A 30 12.95 0.92 8.15
C THR A 30 11.44 1.05 8.34
N GLY A 31 11.04 1.81 9.35
CA GLY A 31 9.64 2.04 9.64
C GLY A 31 9.29 3.50 9.40
N THR A 32 8.17 3.72 8.71
CA THR A 32 7.71 5.07 8.40
C THR A 32 6.22 5.16 8.66
N LEU A 33 5.76 6.39 8.91
CA LEU A 33 4.35 6.69 8.82
C LEU A 33 3.94 6.74 7.36
N THR A 34 2.62 6.67 7.12
CA THR A 34 2.13 6.65 5.75
C THR A 34 2.46 7.94 5.01
N ASN A 35 2.83 9.00 5.72
CA ASN A 35 3.33 10.19 5.04
C ASN A 35 4.82 10.06 4.69
N GLY A 36 5.39 8.89 4.93
CA GLY A 36 6.80 8.67 4.66
C GLY A 36 7.76 9.10 5.73
N LYS A 37 7.29 9.77 6.79
CA LYS A 37 8.18 10.17 7.89
C LYS A 37 8.76 8.94 8.57
N LYS A 38 10.08 8.85 8.57
CA LYS A 38 10.76 7.73 9.18
C LYS A 38 10.83 7.90 10.70
N PHE A 39 10.59 6.81 11.44
CA PHE A 39 10.70 6.86 12.88
C PHE A 39 11.65 5.82 13.47
N ASP A 40 12.15 4.88 12.68
CA ASP A 40 13.04 3.84 13.18
C ASP A 40 13.73 3.19 12.00
N SER A 41 15.00 2.82 12.16
CA SER A 41 15.69 2.11 11.09
C SER A 41 16.92 1.41 11.64
N SER A 42 16.96 0.09 11.52
CA SER A 42 18.21 -0.62 11.81
C SER A 42 19.29 -0.28 10.77
N ARG A 43 18.89 0.08 9.55
CA ARG A 43 19.88 0.44 8.55
C ARG A 43 20.61 1.72 8.94
N ASP A 44 19.89 2.71 9.46
CA ASP A 44 20.55 3.91 9.96
C ASP A 44 21.47 3.60 11.12
N ARG A 45 21.08 2.67 12.00
CA ARG A 45 21.97 2.28 13.08
C ARG A 45 23.18 1.50 12.57
N GLY A 46 23.13 1.00 11.33
CA GLY A 46 24.22 0.18 10.81
C GLY A 46 24.36 -1.16 11.49
N LYS A 47 23.29 -1.71 12.05
CA LYS A 47 23.35 -3.03 12.71
C LYS A 47 22.09 -3.83 12.43
N PRO A 48 22.22 -5.08 11.98
CA PRO A 48 21.03 -5.94 11.85
C PRO A 48 20.33 -6.08 13.19
N PHE A 49 19.01 -6.14 13.15
CA PHE A 49 18.18 -6.17 14.36
C PHE A 49 17.65 -7.57 14.62
N LYS A 50 17.85 -8.05 15.85
CA LYS A 50 17.43 -9.39 16.27
C LYS A 50 16.23 -9.31 17.19
N PHE A 51 15.29 -10.23 17.01
CA PHE A 51 14.16 -10.33 17.92
C PHE A 51 13.61 -11.75 17.86
N ARG A 52 12.90 -12.14 18.91
CA ARG A 52 12.24 -13.44 18.96
C ARG A 52 10.81 -13.28 18.46
N ILE A 53 10.47 -13.98 17.40
CA ILE A 53 9.17 -13.80 16.79
C ILE A 53 8.12 -14.58 17.58
N GLY A 54 6.89 -14.07 17.55
CA GLY A 54 5.80 -14.76 18.19
C GLY A 54 5.77 -14.66 19.69
N LYS A 55 6.51 -13.71 20.27
CA LYS A 55 6.60 -13.54 21.72
C LYS A 55 6.16 -12.15 22.15
N SER A 56 5.41 -11.42 21.31
CA SER A 56 5.00 -10.05 21.63
C SER A 56 6.19 -9.17 22.00
N GLU A 57 7.39 -9.50 21.51
CA GLU A 57 8.56 -8.64 21.66
C GLU A 57 8.56 -7.46 20.69
N VAL A 58 7.72 -7.52 19.67
CA VAL A 58 7.57 -6.49 18.65
C VAL A 58 6.07 -6.37 18.40
N ILE A 59 5.69 -5.35 17.63
CA ILE A 59 4.26 -5.14 17.37
C ILE A 59 3.68 -6.38 16.70
N ARG A 60 2.36 -6.49 16.76
CA ARG A 60 1.70 -7.70 16.27
C ARG A 60 1.87 -7.86 14.77
N GLY A 61 1.89 -6.74 14.03
CA GLY A 61 2.13 -6.82 12.60
C GLY A 61 3.42 -7.52 12.24
N TRP A 62 4.48 -7.32 13.05
CA TRP A 62 5.74 -8.02 12.80
C TRP A 62 5.60 -9.51 13.10
N ASP A 63 5.06 -9.86 14.26
CA ASP A 63 4.90 -11.27 14.58
C ASP A 63 4.12 -12.01 13.50
N GLU A 64 3.02 -11.41 13.01
CA GLU A 64 2.22 -12.01 11.96
C GLU A 64 2.94 -11.98 10.61
N GLY A 65 3.46 -10.81 10.26
CA GLY A 65 3.97 -10.56 8.93
C GLY A 65 5.32 -11.20 8.65
N VAL A 66 6.26 -11.04 9.58
CA VAL A 66 7.58 -11.61 9.37
C VAL A 66 7.49 -13.13 9.33
N ALA A 67 6.51 -13.72 10.02
CA ALA A 67 6.33 -15.16 9.96
C ALA A 67 5.95 -15.63 8.57
N LYS A 68 5.47 -14.73 7.71
CA LYS A 68 5.15 -15.08 6.34
C LYS A 68 6.33 -14.90 5.39
N MET A 69 7.45 -14.38 5.87
CA MET A 69 8.60 -14.15 5.02
C MET A 69 9.55 -15.34 5.07
N SER A 70 10.25 -15.58 3.95
CA SER A 70 11.29 -16.59 3.91
C SER A 70 12.66 -15.91 3.87
N VAL A 71 13.70 -16.67 4.23
CA VAL A 71 15.03 -16.07 4.32
C VAL A 71 15.45 -15.47 2.99
N GLY A 72 15.99 -14.26 3.04
CA GLY A 72 16.34 -13.52 1.84
C GLY A 72 15.26 -12.60 1.33
N GLU A 73 14.03 -12.75 1.81
CA GLU A 73 12.93 -11.94 1.29
C GLU A 73 13.02 -10.50 1.76
N ARG A 74 12.66 -9.58 0.87
CA ARG A 74 12.47 -8.18 1.23
C ARG A 74 11.04 -7.80 0.89
N ALA A 75 10.34 -7.18 1.84
CA ALA A 75 8.92 -6.91 1.65
C ALA A 75 8.52 -5.66 2.40
N LYS A 76 7.42 -5.07 1.94
CA LYS A 76 6.77 -3.98 2.67
C LYS A 76 5.68 -4.57 3.55
N LEU A 77 5.75 -4.30 4.84
CA LEU A 77 4.74 -4.69 5.81
C LEU A 77 3.94 -3.48 6.21
N THR A 78 2.66 -3.48 5.88
CA THR A 78 1.75 -2.42 6.29
C THR A 78 0.90 -2.94 7.44
N CYS A 79 1.07 -2.33 8.61
CA CYS A 79 0.40 -2.73 9.85
C CYS A 79 -0.64 -1.68 10.21
N SER A 80 -1.89 -2.10 10.31
CA SER A 80 -2.95 -1.21 10.77
C SER A 80 -2.77 -0.92 12.26
N PRO A 81 -3.48 0.08 12.78
CA PRO A 81 -3.31 0.43 14.20
C PRO A 81 -3.46 -0.74 15.15
N ASP A 82 -4.47 -1.60 14.95
CA ASP A 82 -4.66 -2.75 15.83
C ASP A 82 -3.46 -3.70 15.81
N TYR A 83 -2.65 -3.67 14.76
CA TYR A 83 -1.45 -4.49 14.70
C TYR A 83 -0.18 -3.69 14.93
N ALA A 84 -0.31 -2.51 15.53
CA ALA A 84 0.83 -1.64 15.77
C ALA A 84 0.67 -1.01 17.15
N TYR A 85 0.46 0.31 17.22
CA TYR A 85 0.33 0.98 18.52
C TYR A 85 -1.09 1.49 18.80
N GLY A 86 -2.07 1.09 18.00
CA GLY A 86 -3.47 1.27 18.39
C GLY A 86 -3.95 2.71 18.47
N GLN A 87 -5.01 2.89 19.27
CA GLN A 87 -5.61 4.21 19.42
C GLN A 87 -4.70 5.14 20.24
N GLN A 88 -4.09 4.61 21.31
CA GLN A 88 -3.17 5.43 22.09
C GLN A 88 -1.97 5.86 21.27
N GLY A 89 -1.41 4.94 20.46
CA GLY A 89 -0.19 5.31 19.79
C GLY A 89 0.98 5.33 20.76
N HIS A 90 2.03 6.05 20.38
CA HIS A 90 3.23 6.18 21.20
C HIS A 90 3.51 7.66 21.33
N PRO A 91 3.11 8.30 22.43
CA PRO A 91 3.26 9.76 22.55
C PRO A 91 4.67 10.21 22.21
N GLY A 92 4.74 11.27 21.38
CA GLY A 92 5.99 11.79 20.89
C GLY A 92 6.52 11.12 19.63
N VAL A 93 5.99 9.95 19.26
CA VAL A 93 6.57 9.15 18.20
C VAL A 93 5.52 8.75 17.17
N ILE A 94 4.48 8.04 17.61
CA ILE A 94 3.47 7.52 16.71
C ILE A 94 2.14 8.13 17.11
N PRO A 95 1.48 8.87 16.22
CA PRO A 95 0.17 9.45 16.54
C PRO A 95 -0.88 8.38 16.80
N PRO A 96 -1.97 8.74 17.46
CA PRO A 96 -3.09 7.81 17.60
C PRO A 96 -3.56 7.28 16.25
N ASN A 97 -3.95 6.01 16.24
CA ASN A 97 -4.60 5.37 15.09
C ASN A 97 -3.75 5.48 13.81
N SER A 98 -2.47 5.12 13.94
CA SER A 98 -1.52 5.26 12.85
C SER A 98 -1.31 3.92 12.17
N THR A 99 -1.40 3.91 10.85
CA THR A 99 -0.91 2.79 10.07
C THR A 99 0.59 2.97 9.82
N LEU A 100 1.33 1.87 9.97
CA LEU A 100 2.79 1.89 9.87
C LEU A 100 3.24 1.06 8.67
N ILE A 101 4.24 1.57 7.95
CA ILE A 101 4.81 0.90 6.80
C ILE A 101 6.27 0.55 7.12
N PHE A 102 6.60 -0.73 7.04
CA PHE A 102 7.95 -1.20 7.29
C PHE A 102 8.51 -1.82 6.02
N ASP A 103 9.73 -1.44 5.69
CA ASP A 103 10.54 -2.12 4.68
C ASP A 103 11.44 -3.08 5.44
N VAL A 104 11.21 -4.39 5.28
CA VAL A 104 11.83 -5.41 6.11
C VAL A 104 12.55 -6.41 5.21
N GLU A 105 13.83 -6.67 5.50
CA GLU A 105 14.58 -7.73 4.84
C GLU A 105 14.91 -8.82 5.86
N LEU A 106 14.49 -10.05 5.58
CA LEU A 106 14.76 -11.18 6.49
C LEU A 106 16.13 -11.74 6.15
N LEU A 107 17.12 -11.48 7.01
CA LEU A 107 18.51 -11.79 6.67
C LEU A 107 18.87 -13.23 6.99
N ARG A 108 18.46 -13.73 8.16
CA ARG A 108 18.77 -15.10 8.54
C ARG A 108 17.95 -15.44 9.78
N LEU A 109 17.85 -16.74 10.08
CA LEU A 109 17.23 -17.25 11.30
C LEU A 109 18.29 -17.82 12.22
N GLU A 110 18.06 -17.75 13.53
CA GLU A 110 18.99 -18.37 14.47
C GLU A 110 18.26 -19.24 15.50
N GLY B 4 -14.51 15.49 -17.92
CA GLY B 4 -13.16 15.25 -17.45
C GLY B 4 -13.10 14.13 -16.43
N VAL B 5 -12.52 14.43 -15.28
CA VAL B 5 -12.51 13.51 -14.16
C VAL B 5 -13.04 14.26 -12.96
N THR B 6 -13.91 13.61 -12.20
CA THR B 6 -14.48 14.15 -10.98
C THR B 6 -14.00 13.31 -9.80
N VAL B 7 -13.49 13.97 -8.77
CA VAL B 7 -12.99 13.30 -7.58
C VAL B 7 -13.94 13.66 -6.44
N GLU B 8 -14.61 12.66 -5.87
CA GLU B 8 -15.51 12.85 -4.74
C GLU B 8 -14.95 12.12 -3.53
N THR B 9 -14.45 12.87 -2.55
CA THR B 9 -13.79 12.27 -1.41
C THR B 9 -14.78 11.51 -0.53
N ILE B 10 -14.46 10.26 -0.23
CA ILE B 10 -15.25 9.44 0.68
C ILE B 10 -14.68 9.48 2.09
N SER B 11 -13.35 9.42 2.22
CA SER B 11 -12.66 9.52 3.51
C SER B 11 -11.42 10.36 3.26
N PRO B 12 -11.12 11.33 4.14
CA PRO B 12 -9.99 12.23 3.87
C PRO B 12 -8.65 11.54 4.01
N GLY B 13 -7.71 11.95 3.17
CA GLY B 13 -6.31 11.69 3.39
C GLY B 13 -5.73 12.75 4.31
N ASP B 14 -4.39 12.77 4.39
CA ASP B 14 -3.73 13.71 5.29
C ASP B 14 -3.64 15.12 4.73
N GLU B 15 -4.17 15.35 3.53
CA GLU B 15 -4.07 16.63 2.83
C GLU B 15 -2.67 17.22 2.90
N SER B 16 -1.65 16.38 2.92
CA SER B 16 -0.26 16.83 2.98
C SER B 16 0.64 16.12 2.00
N THR B 17 0.37 14.86 1.67
CA THR B 17 1.28 13.99 0.95
C THR B 17 0.59 13.67 -0.38
N TYR B 18 1.01 14.33 -1.45
CA TYR B 18 0.38 14.20 -2.77
C TYR B 18 1.35 13.60 -3.78
N PRO B 19 0.85 12.84 -4.76
CA PRO B 19 1.74 12.25 -5.77
C PRO B 19 2.43 13.33 -6.62
N LYS B 20 3.71 13.07 -6.93
CA LYS B 20 4.46 13.88 -7.88
C LYS B 20 4.50 13.18 -9.23
N SER B 21 4.72 13.98 -10.28
CA SER B 21 4.79 13.43 -11.62
C SER B 21 5.90 12.38 -11.71
N GLY B 22 5.54 11.19 -12.19
CA GLY B 22 6.47 10.07 -12.28
C GLY B 22 6.54 9.19 -11.06
N GLN B 23 5.91 9.56 -9.96
CA GLN B 23 6.09 8.84 -8.71
C GLN B 23 5.35 7.50 -8.73
N THR B 24 5.94 6.51 -8.08
CA THR B 24 5.23 5.27 -7.88
C THR B 24 4.18 5.46 -6.80
N VAL B 25 2.95 5.12 -7.15
CA VAL B 25 1.78 5.24 -6.29
C VAL B 25 1.20 3.85 -6.07
N VAL B 26 0.67 3.61 -4.87
CA VAL B 26 0.09 2.31 -4.50
C VAL B 26 -1.35 2.54 -4.07
N VAL B 27 -2.30 1.85 -4.73
CA VAL B 27 -3.72 2.04 -4.47
C VAL B 27 -4.41 0.68 -4.37
N HIS B 28 -5.55 0.68 -3.71
CA HIS B 28 -6.58 -0.34 -3.88
C HIS B 28 -7.74 0.29 -4.63
N TYR B 29 -8.32 -0.42 -5.59
CA TYR B 29 -9.34 0.19 -6.41
C TYR B 29 -10.34 -0.84 -6.91
N THR B 30 -11.53 -0.34 -7.24
CA THR B 30 -12.56 -1.10 -7.95
C THR B 30 -13.12 -0.22 -9.05
N GLY B 31 -13.19 -0.76 -10.27
CA GLY B 31 -13.72 -0.04 -11.42
C GLY B 31 -15.03 -0.65 -11.88
N THR B 32 -16.03 0.22 -12.11
CA THR B 32 -17.33 -0.23 -12.60
C THR B 32 -17.80 0.71 -13.71
N LEU B 33 -18.67 0.15 -14.55
CA LEU B 33 -19.49 0.94 -15.44
C LEU B 33 -20.58 1.65 -14.64
N THR B 34 -21.16 2.70 -15.23
CA THR B 34 -22.18 3.44 -14.49
C THR B 34 -23.36 2.58 -14.11
N ASN B 35 -23.53 1.43 -14.75
CA ASN B 35 -24.61 0.55 -14.35
C ASN B 35 -24.22 -0.31 -13.15
N GLY B 36 -23.02 -0.11 -12.60
CA GLY B 36 -22.57 -0.90 -11.48
C GLY B 36 -21.79 -2.15 -11.84
N LYS B 37 -21.77 -2.56 -13.11
CA LYS B 37 -21.01 -3.75 -13.49
C LYS B 37 -19.51 -3.54 -13.25
N LYS B 38 -18.94 -4.42 -12.44
CA LYS B 38 -17.51 -4.36 -12.11
C LYS B 38 -16.67 -4.97 -13.25
N PHE B 39 -15.61 -4.27 -13.66
CA PHE B 39 -14.71 -4.83 -14.67
C PHE B 39 -13.27 -4.99 -14.20
N ASP B 40 -12.91 -4.48 -13.02
CA ASP B 40 -11.53 -4.56 -12.53
C ASP B 40 -11.53 -4.30 -11.03
N SER B 41 -10.65 -4.98 -10.29
CA SER B 41 -10.56 -4.73 -8.85
C SER B 41 -9.26 -5.29 -8.30
N SER B 42 -8.39 -4.43 -7.78
CA SER B 42 -7.23 -4.96 -7.04
C SER B 42 -7.67 -5.58 -5.72
N ARG B 43 -8.80 -5.16 -5.17
CA ARG B 43 -9.28 -5.79 -3.94
C ARG B 43 -9.66 -7.25 -4.21
N ASP B 44 -10.31 -7.51 -5.33
CA ASP B 44 -10.62 -8.90 -5.69
C ASP B 44 -9.34 -9.70 -5.88
N ARG B 45 -8.30 -9.08 -6.44
CA ARG B 45 -7.03 -9.79 -6.57
C ARG B 45 -6.34 -9.98 -5.22
N GLY B 46 -6.78 -9.26 -4.19
CA GLY B 46 -6.11 -9.33 -2.90
C GLY B 46 -4.71 -8.76 -2.89
N LYS B 47 -4.43 -7.80 -3.78
CA LYS B 47 -3.08 -7.21 -3.86
C LYS B 47 -3.13 -5.72 -4.21
N PRO B 48 -2.46 -4.86 -3.42
CA PRO B 48 -2.40 -3.44 -3.78
C PRO B 48 -1.76 -3.25 -5.15
N PHE B 49 -2.30 -2.32 -5.92
CA PHE B 49 -1.86 -2.08 -7.29
C PHE B 49 -0.92 -0.90 -7.35
N LYS B 50 0.24 -1.09 -7.99
CA LYS B 50 1.27 -0.06 -8.10
C LYS B 50 1.32 0.45 -9.53
N PHE B 51 1.46 1.77 -9.70
CA PHE B 51 1.69 2.33 -11.02
C PHE B 51 2.45 3.64 -10.87
N ARG B 52 3.04 4.08 -11.97
CA ARG B 52 3.71 5.38 -12.02
C ARG B 52 2.72 6.40 -12.56
N ILE B 53 2.48 7.45 -11.79
CA ILE B 53 1.49 8.44 -12.16
C ILE B 53 2.10 9.43 -13.12
N GLY B 54 1.26 9.99 -14.00
CA GLY B 54 1.74 10.98 -14.94
C GLY B 54 2.63 10.43 -16.03
N LYS B 55 2.55 9.13 -16.32
CA LYS B 55 3.34 8.51 -17.36
C LYS B 55 2.45 7.80 -18.40
N SER B 56 1.16 8.10 -18.42
CA SER B 56 0.19 7.40 -19.28
C SER B 56 0.30 5.89 -19.17
N GLU B 57 0.67 5.38 -17.99
CA GLU B 57 0.57 3.95 -17.70
C GLU B 57 -0.85 3.53 -17.37
N VAL B 58 -1.72 4.49 -17.05
CA VAL B 58 -3.11 4.27 -16.72
C VAL B 58 -3.93 5.28 -17.50
N ILE B 59 -5.25 5.14 -17.45
CA ILE B 59 -6.08 6.10 -18.17
C ILE B 59 -5.84 7.53 -17.65
N ARG B 60 -6.19 8.50 -18.50
CA ARG B 60 -5.94 9.89 -18.16
C ARG B 60 -6.66 10.31 -16.88
N GLY B 61 -7.90 9.84 -16.68
CA GLY B 61 -8.59 10.16 -15.46
C GLY B 61 -7.85 9.75 -14.20
N TRP B 62 -7.09 8.66 -14.26
CA TRP B 62 -6.25 8.29 -13.11
C TRP B 62 -5.08 9.26 -12.94
N ASP B 63 -4.37 9.56 -14.04
CA ASP B 63 -3.25 10.49 -13.91
C ASP B 63 -3.70 11.82 -13.34
N GLU B 64 -4.85 12.32 -13.79
CA GLU B 64 -5.40 13.57 -13.29
C GLU B 64 -5.92 13.44 -11.88
N GLY B 65 -6.74 12.40 -11.66
CA GLY B 65 -7.53 12.31 -10.45
C GLY B 65 -6.72 11.90 -9.24
N VAL B 66 -5.93 10.85 -9.39
CA VAL B 66 -5.13 10.38 -8.26
C VAL B 66 -4.13 11.45 -7.83
N ALA B 67 -3.69 12.30 -8.77
CA ALA B 67 -2.79 13.39 -8.41
C ALA B 67 -3.45 14.36 -7.45
N LYS B 68 -4.78 14.39 -7.38
CA LYS B 68 -5.47 15.28 -6.44
C LYS B 68 -5.73 14.61 -5.10
N MET B 69 -5.38 13.33 -4.93
CA MET B 69 -5.60 12.66 -3.67
C MET B 69 -4.36 12.76 -2.79
N SER B 70 -4.56 12.74 -1.47
CA SER B 70 -3.46 12.64 -0.53
C SER B 70 -3.46 11.26 0.12
N VAL B 71 -2.32 10.89 0.70
CA VAL B 71 -2.17 9.56 1.26
C VAL B 71 -3.26 9.29 2.30
N GLY B 72 -3.88 8.12 2.21
CA GLY B 72 -4.95 7.76 3.10
C GLY B 72 -6.33 8.10 2.57
N GLU B 73 -6.42 8.95 1.56
CA GLU B 73 -7.72 9.34 1.04
C GLU B 73 -8.38 8.20 0.29
N ARG B 74 -9.70 8.13 0.42
CA ARG B 74 -10.54 7.24 -0.38
C ARG B 74 -11.56 8.08 -1.12
N ALA B 75 -11.70 7.85 -2.43
CA ALA B 75 -12.56 8.73 -3.24
C ALA B 75 -13.16 7.95 -4.40
N LYS B 76 -14.26 8.50 -4.93
CA LYS B 76 -14.84 8.03 -6.17
C LYS B 76 -14.32 8.91 -7.30
N LEU B 77 -13.70 8.30 -8.30
CA LEU B 77 -13.22 9.00 -9.49
C LEU B 77 -14.13 8.64 -10.65
N THR B 78 -14.78 9.66 -11.21
CA THR B 78 -15.66 9.48 -12.36
C THR B 78 -14.94 10.05 -13.59
N CYS B 79 -14.59 9.17 -14.52
CA CYS B 79 -13.79 9.48 -15.71
C CYS B 79 -14.68 9.44 -16.93
N SER B 80 -14.82 10.57 -17.62
CA SER B 80 -15.55 10.59 -18.87
C SER B 80 -14.79 9.84 -19.96
N PRO B 81 -15.46 9.47 -21.05
CA PRO B 81 -14.80 8.70 -22.11
C PRO B 81 -13.49 9.30 -22.60
N ASP B 82 -13.40 10.63 -22.70
CA ASP B 82 -12.13 11.25 -23.12
C ASP B 82 -11.02 11.02 -22.10
N TYR B 83 -11.37 10.71 -20.86
CA TYR B 83 -10.38 10.46 -19.82
C TYR B 83 -10.29 8.97 -19.47
N ALA B 84 -10.84 8.11 -20.33
CA ALA B 84 -10.83 6.68 -20.09
C ALA B 84 -10.50 5.97 -21.39
N TYR B 85 -11.45 5.23 -21.98
CA TYR B 85 -11.15 4.50 -23.21
C TYR B 85 -11.88 5.05 -24.42
N GLY B 86 -12.47 6.24 -24.32
CA GLY B 86 -12.85 6.99 -25.50
C GLY B 86 -14.01 6.41 -26.29
N GLN B 87 -14.03 6.74 -27.59
CA GLN B 87 -15.11 6.30 -28.45
C GLN B 87 -14.97 4.83 -28.82
N GLN B 88 -13.74 4.37 -29.04
CA GLN B 88 -13.53 2.95 -29.32
C GLN B 88 -13.87 2.10 -28.11
N GLY B 89 -13.47 2.54 -26.91
CA GLY B 89 -13.65 1.69 -25.75
C GLY B 89 -12.64 0.54 -25.76
N HIS B 90 -13.02 -0.55 -25.10
CA HIS B 90 -12.17 -1.74 -25.01
C HIS B 90 -13.01 -2.94 -25.41
N PRO B 91 -12.93 -3.39 -26.67
CA PRO B 91 -13.81 -4.46 -27.14
C PRO B 91 -13.81 -5.64 -26.18
N GLY B 92 -15.01 -6.13 -25.86
CA GLY B 92 -15.23 -7.19 -24.89
C GLY B 92 -15.25 -6.76 -23.44
N VAL B 93 -14.83 -5.53 -23.13
CA VAL B 93 -14.68 -5.10 -21.73
C VAL B 93 -15.43 -3.80 -21.48
N ILE B 94 -15.06 -2.74 -22.21
CA ILE B 94 -15.62 -1.41 -22.00
C ILE B 94 -16.34 -0.99 -23.29
N PRO B 95 -17.65 -0.73 -23.23
CA PRO B 95 -18.38 -0.27 -24.43
C PRO B 95 -17.89 1.07 -24.94
N PRO B 96 -18.13 1.37 -26.21
CA PRO B 96 -17.84 2.70 -26.74
C PRO B 96 -18.42 3.80 -25.85
N ASN B 97 -17.65 4.88 -25.71
CA ASN B 97 -18.10 6.09 -25.03
C ASN B 97 -18.68 5.81 -23.64
N SER B 98 -17.89 5.10 -22.84
CA SER B 98 -18.29 4.72 -21.49
C SER B 98 -17.69 5.68 -20.47
N THR B 99 -18.52 6.17 -19.55
CA THR B 99 -18.03 6.79 -18.34
C THR B 99 -17.73 5.71 -17.30
N LEU B 100 -16.59 5.85 -16.62
CA LEU B 100 -16.13 4.85 -15.68
C LEU B 100 -16.09 5.44 -14.28
N ILE B 101 -16.45 4.61 -13.29
CA ILE B 101 -16.46 4.99 -11.89
C ILE B 101 -15.48 4.09 -11.15
N PHE B 102 -14.52 4.71 -10.46
CA PHE B 102 -13.51 3.99 -9.70
C PHE B 102 -13.59 4.38 -8.23
N ASP B 103 -13.62 3.38 -7.36
CA ASP B 103 -13.42 3.56 -5.94
C ASP B 103 -11.93 3.35 -5.66
N VAL B 104 -11.23 4.41 -5.28
CA VAL B 104 -9.77 4.40 -5.20
C VAL B 104 -9.37 4.81 -3.79
N GLU B 105 -8.52 3.99 -3.14
CA GLU B 105 -7.88 4.37 -1.89
C GLU B 105 -6.39 4.51 -2.14
N LEU B 106 -5.84 5.68 -1.84
CA LEU B 106 -4.41 5.95 -2.01
C LEU B 106 -3.67 5.46 -0.77
N LEU B 107 -2.99 4.32 -0.90
CA LEU B 107 -2.44 3.64 0.28
C LEU B 107 -1.11 4.25 0.72
N ARG B 108 -0.22 4.54 -0.22
CA ARG B 108 1.10 5.09 0.06
C ARG B 108 1.76 5.47 -1.25
N LEU B 109 2.80 6.29 -1.12
CA LEU B 109 3.67 6.75 -2.22
C LEU B 109 5.03 6.11 -2.10
N GLU B 110 5.62 5.75 -3.23
CA GLU B 110 6.99 5.20 -3.18
C GLU B 110 7.98 5.94 -4.07
#